data_5SP2
#
_entry.id   5SP2
#
_cell.length_a   88.744
_cell.length_b   88.744
_cell.length_c   39.597
_cell.angle_alpha   90.000
_cell.angle_beta   90.000
_cell.angle_gamma   90.000
#
_symmetry.space_group_name_H-M   'P 43'
#
loop_
_entity.id
_entity.type
_entity.pdbx_description
1 polymer 'Non-structural protein 3'
2 non-polymer '[(2R)-4-(7H-pyrrolo[2,3-d]pyrimidin-4-yl)morpholin-2-yl]acetic acid'
3 non-polymer '[(2S)-4-(7H-pyrrolo[2,3-d]pyrimidin-4-yl)morpholin-2-yl]acetic acid'
4 water water
#
_entity_poly.entity_id   1
_entity_poly.type   'polypeptide(L)'
_entity_poly.pdbx_seq_one_letter_code
;SMVNSFSGYLKLTDNVYIKNADIVEEAKKVKPTVVVNAANVYLKHGGGVAGALNKATNNAMQVESDDYIATNGPLKVGGS
CVLSGHNLAKHCLHVVGPNVNKGEDIQLLKSAYENFNQHEVLLAPLLSAGIFGADPIHSLRVCVDTVRTNVYLAVFDKNL
YDKLVSSFL
;
_entity_poly.pdbx_strand_id   A,B
#
loop_
_chem_comp.id
_chem_comp.type
_chem_comp.name
_chem_comp.formula
S3E non-polymer '[(2S)-4-(7H-pyrrolo[2,3-d]pyrimidin-4-yl)morpholin-2-yl]acetic acid' 'C12 H14 N4 O3'
WYG non-polymer '[(2R)-4-(7H-pyrrolo[2,3-d]pyrimidin-4-yl)morpholin-2-yl]acetic acid' 'C12 H14 N4 O3'
#
# COMPACT_ATOMS: atom_id res chain seq x y z
N VAL A 3 -17.90 -7.98 -16.53
CA VAL A 3 -18.24 -6.79 -17.30
C VAL A 3 -18.47 -5.62 -16.35
N ASN A 4 -17.90 -4.45 -16.66
CA ASN A 4 -18.16 -3.23 -15.90
C ASN A 4 -18.56 -2.11 -16.87
N SER A 5 -18.91 -0.96 -16.30
CA SER A 5 -19.52 0.18 -16.99
C SER A 5 -18.52 1.16 -17.57
N PHE A 6 -17.23 0.95 -17.39
CA PHE A 6 -16.24 1.87 -17.96
C PHE A 6 -16.26 1.77 -19.48
N SER A 7 -16.29 2.92 -20.17
CA SER A 7 -16.53 2.97 -21.61
C SER A 7 -15.46 3.80 -22.31
N GLY A 8 -15.04 3.37 -23.51
CA GLY A 8 -14.13 4.18 -24.32
C GLY A 8 -12.68 4.10 -23.91
N TYR A 9 -12.26 3.12 -23.11
N TYR A 9 -12.34 3.17 -23.02
CA TYR A 9 -10.86 2.99 -22.70
CA TYR A 9 -10.99 3.02 -22.49
C TYR A 9 -10.07 2.18 -23.72
C TYR A 9 -10.10 2.18 -23.40
N LEU A 10 -8.80 2.55 -23.87
N LEU A 10 -8.83 2.56 -23.47
CA LEU A 10 -7.84 1.74 -24.60
CA LEU A 10 -7.80 1.89 -24.26
C LEU A 10 -7.24 0.75 -23.59
C LEU A 10 -7.20 0.75 -23.41
N LYS A 11 -7.09 -0.50 -24.03
N LYS A 11 -7.53 -0.50 -23.74
CA LYS A 11 -6.53 -1.53 -23.18
CA LYS A 11 -6.92 -1.64 -23.03
C LYS A 11 -5.02 -1.52 -23.35
C LYS A 11 -5.42 -1.68 -23.32
N LEU A 12 -4.27 -1.29 -22.27
N LEU A 12 -4.58 -1.48 -22.30
CA LEU A 12 -2.82 -1.34 -22.36
CA LEU A 12 -3.13 -1.43 -22.46
C LEU A 12 -2.28 -2.72 -22.02
C LEU A 12 -2.44 -2.74 -22.10
N THR A 13 -2.86 -3.37 -21.01
CA THR A 13 -2.41 -4.68 -20.56
C THR A 13 -3.62 -5.49 -20.13
N ASP A 14 -3.36 -6.67 -19.57
CA ASP A 14 -4.43 -7.51 -19.03
C ASP A 14 -5.31 -6.72 -18.07
N ASN A 15 -4.73 -5.80 -17.28
CA ASN A 15 -5.46 -5.18 -16.18
C ASN A 15 -5.46 -3.67 -16.18
N VAL A 16 -4.77 -3.00 -17.10
CA VAL A 16 -4.66 -1.55 -17.11
C VAL A 16 -5.29 -0.99 -18.37
N TYR A 17 -6.14 0.01 -18.20
CA TYR A 17 -6.91 0.68 -19.24
C TYR A 17 -6.70 2.17 -19.11
N ILE A 18 -6.80 2.91 -20.22
CA ILE A 18 -6.52 4.35 -20.20
C ILE A 18 -7.48 5.10 -21.13
N LYS A 19 -7.83 6.33 -20.75
CA LYS A 19 -8.75 7.16 -21.50
C LYS A 19 -8.40 8.63 -21.30
N ASN A 20 -8.58 9.44 -22.34
CA ASN A 20 -8.53 10.89 -22.21
C ASN A 20 -9.85 11.33 -21.63
N ALA A 21 -9.84 11.71 -20.36
CA ALA A 21 -11.07 12.07 -19.68
C ALA A 21 -10.74 12.88 -18.45
N ASP A 22 -11.72 13.70 -18.05
CA ASP A 22 -11.71 14.42 -16.80
C ASP A 22 -12.21 13.46 -15.71
N ILE A 23 -11.34 13.13 -14.75
CA ILE A 23 -11.68 12.14 -13.73
C ILE A 23 -12.92 12.53 -12.96
N VAL A 24 -13.17 13.84 -12.79
CA VAL A 24 -14.38 14.29 -12.11
C VAL A 24 -15.62 13.87 -12.90
N GLU A 25 -15.60 14.14 -14.22
CA GLU A 25 -16.74 13.82 -15.07
C GLU A 25 -16.91 12.32 -15.20
N GLU A 26 -15.79 11.61 -15.25
CA GLU A 26 -15.85 10.16 -15.34
C GLU A 26 -16.42 9.55 -14.06
N ALA A 27 -15.98 10.06 -12.90
CA ALA A 27 -16.53 9.56 -11.65
C ALA A 27 -18.02 9.83 -11.55
N LYS A 28 -18.45 11.05 -11.93
CA LYS A 28 -19.87 11.39 -11.89
C LYS A 28 -20.70 10.44 -12.76
N LYS A 29 -20.16 10.00 -13.90
N LYS A 29 -20.17 10.02 -13.89
CA LYS A 29 -20.92 9.17 -14.83
CA LYS A 29 -20.92 9.19 -14.82
C LYS A 29 -20.93 7.70 -14.42
C LYS A 29 -20.94 7.72 -14.40
N VAL A 30 -19.80 7.18 -13.98
CA VAL A 30 -19.66 5.76 -13.64
C VAL A 30 -20.09 5.46 -12.21
N LYS A 31 -19.84 6.37 -11.27
CA LYS A 31 -20.03 6.12 -9.83
C LYS A 31 -19.28 4.85 -9.44
N PRO A 32 -17.96 4.81 -9.68
CA PRO A 32 -17.19 3.60 -9.41
C PRO A 32 -17.18 3.30 -7.91
N THR A 33 -16.90 2.05 -7.59
CA THR A 33 -16.70 1.67 -6.19
C THR A 33 -15.57 2.48 -5.57
N VAL A 34 -14.49 2.69 -6.31
CA VAL A 34 -13.32 3.43 -5.81
C VAL A 34 -12.85 4.43 -6.86
N VAL A 35 -12.75 5.71 -6.44
CA VAL A 35 -12.00 6.71 -7.18
C VAL A 35 -10.75 7.04 -6.37
N VAL A 36 -9.62 7.13 -7.04
CA VAL A 36 -8.36 7.48 -6.40
C VAL A 36 -8.16 8.99 -6.47
N ASN A 37 -7.78 9.58 -5.34
CA ASN A 37 -7.35 10.97 -5.28
C ASN A 37 -5.84 11.04 -5.20
N ALA A 38 -5.28 12.01 -5.92
CA ALA A 38 -3.87 12.38 -5.87
C ALA A 38 -3.65 13.29 -4.67
N ALA A 39 -3.56 12.68 -3.49
CA ALA A 39 -3.54 13.38 -2.22
C ALA A 39 -2.13 13.78 -1.81
N ASN A 40 -2.07 14.70 -0.85
CA ASN A 40 -0.85 14.97 -0.10
C ASN A 40 -1.04 14.48 1.35
N VAL A 41 0.04 14.49 2.12
CA VAL A 41 0.02 13.86 3.44
C VAL A 41 -0.94 14.56 4.40
N TYR A 42 -1.25 15.83 4.15
CA TYR A 42 -2.15 16.60 5.00
C TYR A 42 -3.58 16.54 4.53
N LEU A 43 -3.85 15.84 3.43
CA LEU A 43 -5.17 15.82 2.79
C LEU A 43 -5.71 17.24 2.59
N LYS A 44 -4.83 18.15 2.16
CA LYS A 44 -5.21 19.51 1.80
C LYS A 44 -5.45 19.53 0.29
N HIS A 45 -6.71 19.51 -0.13
N HIS A 45 -6.72 19.59 -0.09
CA HIS A 45 -7.06 19.27 -1.53
CA HIS A 45 -7.11 19.53 -1.49
C HIS A 45 -7.19 20.60 -2.27
C HIS A 45 -7.31 20.95 -2.04
N GLY A 46 -6.05 21.22 -2.53
N GLY A 46 -6.18 21.64 -2.25
CA GLY A 46 -6.04 22.59 -3.02
CA GLY A 46 -6.20 23.01 -2.76
C GLY A 46 -6.07 22.74 -4.53
C GLY A 46 -6.15 23.10 -4.28
N GLY A 47 -5.45 21.82 -5.25
N GLY A 47 -5.40 22.21 -4.95
CA GLY A 47 -5.28 21.97 -6.68
CA GLY A 47 -5.23 22.26 -6.39
C GLY A 47 -5.03 20.63 -7.33
C GLY A 47 -5.09 20.88 -6.99
N GLY A 48 -4.76 20.68 -8.63
N GLY A 48 -4.95 20.84 -8.33
CA GLY A 48 -4.59 19.45 -9.38
CA GLY A 48 -4.76 19.58 -9.06
C GLY A 48 -5.85 18.61 -9.30
C GLY A 48 -5.97 18.66 -8.96
N VAL A 49 -5.64 17.28 -9.38
N VAL A 49 -5.73 17.35 -9.08
CA VAL A 49 -6.76 16.35 -9.28
CA VAL A 49 -6.81 16.36 -8.98
C VAL A 49 -7.50 16.52 -7.96
C VAL A 49 -7.56 16.53 -7.67
N ALA A 50 -6.76 16.68 -6.85
N ALA A 50 -6.82 16.64 -6.56
CA ALA A 50 -7.41 16.76 -5.55
CA ALA A 50 -7.45 16.76 -5.24
C ALA A 50 -8.31 17.99 -5.45
C ALA A 50 -8.36 17.98 -5.18
N GLY A 51 -7.82 19.13 -5.91
N GLY A 51 -7.85 19.14 -5.63
CA GLY A 51 -8.66 20.32 -5.89
CA GLY A 51 -8.66 20.36 -5.63
C GLY A 51 -9.92 20.15 -6.70
C GLY A 51 -9.88 20.22 -6.52
N ALA A 52 -9.80 19.50 -7.86
N ALA A 52 -9.72 19.52 -7.65
CA ALA A 52 -10.94 19.28 -8.72
CA ALA A 52 -10.83 19.32 -8.59
C ALA A 52 -11.96 18.32 -8.08
C ALA A 52 -11.89 18.39 -8.00
N LEU A 53 -11.47 17.20 -7.52
CA LEU A 53 -12.39 16.26 -6.87
C LEU A 53 -13.09 16.92 -5.70
N ASN A 54 -12.34 17.65 -4.87
CA ASN A 54 -12.94 18.26 -3.70
C ASN A 54 -13.98 19.31 -4.09
N LYS A 55 -13.68 20.13 -5.10
CA LYS A 55 -14.64 21.11 -5.58
C LYS A 55 -15.93 20.44 -6.02
N ALA A 56 -15.83 19.30 -6.71
CA ALA A 56 -17.00 18.58 -7.17
C ALA A 56 -17.87 18.05 -6.02
N THR A 57 -17.28 17.84 -4.84
CA THR A 57 -18.01 17.44 -3.63
C THR A 57 -18.52 18.63 -2.82
N ASN A 58 -18.37 19.84 -3.35
CA ASN A 58 -18.82 21.05 -2.63
C ASN A 58 -18.09 21.19 -1.30
N ASN A 59 -16.82 20.76 -1.26
CA ASN A 59 -15.92 20.86 -0.11
C ASN A 59 -16.20 19.79 0.95
N ALA A 60 -17.15 18.87 0.73
CA ALA A 60 -17.39 17.84 1.73
C ALA A 60 -16.18 16.93 1.89
N MET A 61 -15.45 16.66 0.80
CA MET A 61 -14.23 15.87 0.91
C MET A 61 -13.22 16.53 1.86
N GLN A 62 -13.06 17.85 1.76
CA GLN A 62 -12.12 18.55 2.65
C GLN A 62 -12.58 18.50 4.09
N VAL A 63 -13.88 18.68 4.35
CA VAL A 63 -14.39 18.63 5.71
C VAL A 63 -14.12 17.26 6.33
N GLU A 64 -14.42 16.19 5.59
CA GLU A 64 -14.15 14.84 6.07
C GLU A 64 -12.67 14.63 6.30
N SER A 65 -11.84 15.13 5.38
CA SER A 65 -10.40 14.95 5.47
C SER A 65 -9.82 15.67 6.68
N ASP A 66 -10.32 16.87 6.99
CA ASP A 66 -9.82 17.60 8.15
C ASP A 66 -10.08 16.84 9.44
N ASP A 67 -11.26 16.22 9.55
CA ASP A 67 -11.54 15.38 10.71
C ASP A 67 -10.62 14.16 10.74
N TYR A 68 -10.37 13.54 9.58
CA TYR A 68 -9.45 12.40 9.53
C TYR A 68 -8.07 12.78 10.06
N ILE A 69 -7.53 13.92 9.61
CA ILE A 69 -6.18 14.33 10.03
C ILE A 69 -6.17 14.69 11.51
N ALA A 70 -7.22 15.38 11.98
CA ALA A 70 -7.26 15.74 13.38
C ALA A 70 -7.22 14.50 14.27
N THR A 71 -7.81 13.39 13.82
CA THR A 71 -7.82 12.16 14.60
C THR A 71 -6.54 11.35 14.43
N ASN A 72 -6.04 11.25 13.20
CA ASN A 72 -5.02 10.26 12.86
C ASN A 72 -3.66 10.86 12.54
N GLY A 73 -3.56 12.16 12.32
CA GLY A 73 -2.33 12.75 11.85
C GLY A 73 -2.10 12.48 10.37
N PRO A 74 -1.02 13.04 9.84
CA PRO A 74 -0.75 12.96 8.40
C PRO A 74 -0.50 11.53 7.92
N LEU A 75 -0.78 11.34 6.64
CA LEU A 75 -0.37 10.12 5.95
C LEU A 75 1.14 10.12 5.75
N LYS A 76 1.64 8.96 5.32
CA LYS A 76 3.01 8.80 4.84
C LYS A 76 3.05 9.03 3.33
N VAL A 77 4.15 9.60 2.84
CA VAL A 77 4.39 9.56 1.39
C VAL A 77 4.50 8.10 0.96
N GLY A 78 3.71 7.71 -0.05
CA GLY A 78 3.56 6.32 -0.44
C GLY A 78 2.37 5.64 0.19
N GLY A 79 1.72 6.28 1.16
CA GLY A 79 0.61 5.69 1.87
C GLY A 79 -0.74 6.16 1.34
N SER A 80 -1.79 5.71 2.05
CA SER A 80 -3.14 5.96 1.60
C SER A 80 -4.11 5.84 2.78
N CYS A 81 -5.32 6.34 2.55
CA CYS A 81 -6.45 6.04 3.42
C CYS A 81 -7.70 5.97 2.57
N VAL A 82 -8.69 5.22 3.05
CA VAL A 82 -9.99 5.11 2.40
C VAL A 82 -10.97 6.01 3.14
N LEU A 83 -11.59 6.92 2.41
CA LEU A 83 -12.64 7.79 2.94
C LEU A 83 -13.85 7.70 2.03
N SER A 84 -14.87 8.50 2.32
CA SER A 84 -16.06 8.49 1.49
C SER A 84 -15.76 8.98 0.08
N GLY A 85 -16.50 8.45 -0.89
CA GLY A 85 -16.50 8.96 -2.23
C GLY A 85 -17.51 10.05 -2.48
N HIS A 86 -18.30 10.40 -1.47
CA HIS A 86 -19.28 11.49 -1.56
C HIS A 86 -20.18 11.24 -2.77
N ASN A 87 -20.39 12.24 -3.62
CA ASN A 87 -21.23 12.14 -4.78
C ASN A 87 -20.50 11.59 -5.99
N LEU A 88 -19.24 11.18 -5.83
CA LEU A 88 -18.43 10.76 -6.97
C LEU A 88 -18.24 9.25 -7.10
N ALA A 89 -18.31 8.51 -5.99
CA ALA A 89 -17.92 7.11 -5.94
C ALA A 89 -18.39 6.59 -4.58
N LYS A 90 -18.38 5.28 -4.41
CA LYS A 90 -18.66 4.75 -3.07
C LYS A 90 -17.56 5.19 -2.10
N HIS A 91 -16.31 5.00 -2.48
CA HIS A 91 -15.14 5.29 -1.67
C HIS A 91 -14.17 6.13 -2.47
N CYS A 92 -13.40 6.93 -1.74
CA CYS A 92 -12.22 7.59 -2.30
C CYS A 92 -10.99 7.03 -1.62
N LEU A 93 -10.08 6.48 -2.42
CA LEU A 93 -8.77 6.07 -1.93
C LEU A 93 -7.82 7.24 -2.13
N HIS A 94 -7.46 7.89 -1.04
CA HIS A 94 -6.52 9.01 -1.08
C HIS A 94 -5.12 8.41 -1.04
N VAL A 95 -4.36 8.59 -2.12
CA VAL A 95 -3.03 8.00 -2.24
C VAL A 95 -2.03 9.12 -2.38
N VAL A 96 -0.95 9.06 -1.61
CA VAL A 96 0.10 10.08 -1.65
C VAL A 96 1.27 9.57 -2.47
N GLY A 97 1.39 10.01 -3.72
N GLY A 97 1.36 10.06 -3.72
CA GLY A 97 2.60 9.81 -4.47
CA GLY A 97 2.52 9.86 -4.56
C GLY A 97 3.62 10.84 -4.06
C GLY A 97 3.58 10.91 -4.21
N PRO A 98 4.88 10.58 -4.34
CA PRO A 98 5.91 11.57 -4.03
C PRO A 98 5.77 12.82 -4.90
N ASN A 99 6.00 13.97 -4.30
N ASN A 99 6.07 13.98 -4.26
CA ASN A 99 5.95 15.24 -5.00
CA ASN A 99 6.08 15.28 -4.94
C ASN A 99 7.38 15.67 -5.29
C ASN A 99 7.53 15.63 -5.31
N VAL A 100 7.76 15.59 -6.58
N VAL A 100 7.81 15.65 -6.62
CA VAL A 100 9.11 15.96 -6.99
CA VAL A 100 9.15 15.91 -7.14
C VAL A 100 9.39 17.41 -6.64
C VAL A 100 9.58 17.36 -6.91
N ASN A 101 8.38 18.28 -6.72
N ASN A 101 8.63 18.29 -6.81
CA ASN A 101 8.56 19.68 -6.37
CA ASN A 101 8.97 19.70 -6.58
C ASN A 101 8.75 19.90 -4.87
C ASN A 101 9.45 19.92 -5.15
N LYS A 102 8.70 18.83 -4.06
N LYS A 102 9.06 19.05 -4.22
CA LYS A 102 9.11 18.86 -2.67
CA LYS A 102 9.55 19.02 -2.86
C LYS A 102 10.37 18.05 -2.41
C LYS A 102 10.83 18.19 -2.75
N GLY A 103 10.97 17.46 -3.44
N GLY A 103 11.19 17.47 -3.82
CA GLY A 103 12.20 16.69 -3.26
CA GLY A 103 12.38 16.63 -3.86
C GLY A 103 12.00 15.28 -2.76
C GLY A 103 12.17 15.25 -3.26
N GLU A 104 10.80 14.72 -2.90
N GLU A 104 10.94 14.75 -3.24
CA GLU A 104 10.51 13.40 -2.36
CA GLU A 104 10.63 13.47 -2.61
C GLU A 104 10.99 12.29 -3.31
C GLU A 104 11.15 12.29 -3.46
N ASP A 105 11.37 11.16 -2.72
N ASP A 105 11.39 11.16 -2.79
CA ASP A 105 12.06 10.10 -3.45
CA ASP A 105 12.08 10.04 -3.45
C ASP A 105 11.09 9.43 -4.43
C ASP A 105 11.12 9.35 -4.42
N ILE A 106 11.46 9.38 -5.71
CA ILE A 106 10.57 8.86 -6.74
C ILE A 106 10.36 7.36 -6.59
N GLN A 107 11.30 6.64 -5.92
CA GLN A 107 11.12 5.22 -5.64
C GLN A 107 9.85 5.00 -4.85
N LEU A 108 9.36 6.03 -4.13
CA LEU A 108 8.16 5.86 -3.35
C LEU A 108 6.93 5.76 -4.24
N LEU A 109 7.09 6.02 -5.54
CA LEU A 109 5.96 5.90 -6.45
C LEU A 109 5.46 4.47 -6.52
N LYS A 110 6.36 3.49 -6.49
CA LYS A 110 5.92 2.09 -6.50
C LYS A 110 5.11 1.76 -5.25
N SER A 111 5.59 2.20 -4.09
CA SER A 111 4.83 1.99 -2.84
C SER A 111 3.45 2.62 -2.93
N ALA A 112 3.36 3.81 -3.53
CA ALA A 112 2.07 4.48 -3.69
C ALA A 112 1.12 3.63 -4.52
N TYR A 113 1.59 3.12 -5.67
CA TYR A 113 0.73 2.30 -6.51
C TYR A 113 0.35 0.97 -5.86
N GLU A 114 1.17 0.45 -4.95
CA GLU A 114 0.81 -0.81 -4.29
C GLU A 114 -0.51 -0.69 -3.54
N ASN A 115 -0.88 0.50 -3.09
CA ASN A 115 -2.17 0.67 -2.43
C ASN A 115 -3.33 0.26 -3.32
N PHE A 116 -3.17 0.40 -4.64
CA PHE A 116 -4.27 0.06 -5.55
C PHE A 116 -4.60 -1.43 -5.49
N ASN A 117 -3.64 -2.29 -5.11
CA ASN A 117 -3.85 -3.73 -5.12
C ASN A 117 -4.82 -4.19 -4.04
N GLN A 118 -5.19 -3.31 -3.11
CA GLN A 118 -6.18 -3.63 -2.10
C GLN A 118 -7.61 -3.46 -2.60
N HIS A 119 -7.80 -3.11 -3.87
CA HIS A 119 -9.11 -2.82 -4.45
C HIS A 119 -9.21 -3.49 -5.81
N GLU A 120 -10.29 -4.23 -6.03
CA GLU A 120 -10.39 -5.05 -7.24
C GLU A 120 -10.49 -4.21 -8.51
N VAL A 121 -11.16 -3.06 -8.43
CA VAL A 121 -11.36 -2.16 -9.57
C VAL A 121 -11.28 -0.72 -9.09
N LEU A 122 -10.57 0.13 -9.82
CA LEU A 122 -10.40 1.54 -9.45
C LEU A 122 -10.42 2.43 -10.67
N LEU A 123 -10.95 3.62 -10.50
CA LEU A 123 -10.76 4.76 -11.41
C LEU A 123 -9.68 5.65 -10.81
N ALA A 124 -8.65 5.98 -11.59
CA ALA A 124 -7.54 6.69 -10.99
C ALA A 124 -6.83 7.62 -11.96
N PRO A 125 -6.12 8.62 -11.43
N PRO A 125 -6.21 8.67 -11.45
CA PRO A 125 -5.16 9.39 -12.22
CA PRO A 125 -5.37 9.54 -12.29
C PRO A 125 -3.78 8.74 -12.14
C PRO A 125 -3.95 8.96 -12.23
N LEU A 126 -2.88 9.21 -12.99
N LEU A 126 -3.08 9.47 -13.09
CA LEU A 126 -1.48 8.82 -12.87
CA LEU A 126 -1.69 9.02 -13.03
C LEU A 126 -0.85 9.49 -11.64
C LEU A 126 -1.01 9.65 -11.81
N LEU A 127 -0.38 8.66 -10.72
N LEU A 127 -0.47 8.82 -10.91
CA LEU A 127 0.20 9.17 -9.49
CA LEU A 127 0.04 9.32 -9.64
C LEU A 127 1.48 9.95 -9.78
C LEU A 127 1.35 10.10 -9.83
N SER A 128 1.66 11.03 -9.03
N SER A 128 1.49 11.20 -9.08
CA SER A 128 2.82 11.91 -9.07
CA SER A 128 2.63 12.12 -9.10
C SER A 128 2.91 12.72 -10.37
C SER A 128 2.75 12.90 -10.40
N ALA A 129 1.92 12.62 -11.26
N ALA A 129 1.67 13.00 -11.18
CA ALA A 129 1.90 13.41 -12.48
CA ALA A 129 1.68 13.71 -12.46
C ALA A 129 1.35 14.81 -12.18
C ALA A 129 1.37 15.20 -12.28
N GLY A 130 1.21 15.61 -13.23
N GLY A 130 1.47 15.94 -13.39
CA GLY A 130 0.67 16.95 -13.06
CA GLY A 130 1.22 17.38 -13.38
C GLY A 130 1.53 17.76 -12.11
C GLY A 130 1.97 18.05 -12.23
N ILE A 131 0.88 18.46 -11.18
N ILE A 131 1.23 18.67 -11.30
CA ILE A 131 1.59 19.36 -10.27
CA ILE A 131 1.81 19.51 -10.26
C ILE A 131 2.49 18.65 -9.28
C ILE A 131 2.73 18.76 -9.27
N PHE A 132 2.45 17.31 -9.21
N PHE A 132 2.72 17.43 -9.24
CA PHE A 132 3.40 16.57 -8.39
CA PHE A 132 3.65 16.67 -8.40
C PHE A 132 4.77 16.42 -9.06
C PHE A 132 5.01 16.44 -9.08
N GLY A 133 4.90 16.75 -10.34
N GLY A 133 5.19 16.90 -10.31
CA GLY A 133 6.19 16.97 -10.94
CA GLY A 133 6.49 16.98 -10.98
C GLY A 133 6.91 15.77 -11.53
C GLY A 133 7.03 15.69 -11.59
N ALA A 134 6.36 14.57 -11.44
N ALA A 134 6.36 14.54 -11.42
CA ALA A 134 7.04 13.42 -12.03
CA ALA A 134 6.91 13.32 -12.00
C ALA A 134 6.74 13.33 -13.52
C ALA A 134 6.46 13.16 -13.46
N ASP A 135 7.53 12.51 -14.20
N ASP A 135 7.28 12.47 -14.26
CA ASP A 135 7.32 12.21 -15.61
CA ASP A 135 6.97 12.29 -15.68
C ASP A 135 6.12 11.28 -15.74
C ASP A 135 5.79 11.32 -15.84
N PRO A 136 5.04 11.67 -16.39
N PRO A 136 4.70 11.73 -16.49
CA PRO A 136 3.87 10.78 -16.50
CA PRO A 136 3.56 10.82 -16.71
C PRO A 136 4.14 9.49 -17.24
C PRO A 136 3.94 9.50 -17.36
N ILE A 137 5.08 9.48 -18.20
N ILE A 137 4.84 9.52 -18.34
CA ILE A 137 5.44 8.23 -18.86
CA ILE A 137 5.28 8.29 -19.02
C ILE A 137 6.01 7.25 -17.85
C ILE A 137 5.81 7.31 -17.98
N HIS A 138 6.86 7.73 -16.95
N HIS A 138 6.73 7.77 -17.12
CA HIS A 138 7.39 6.88 -15.90
CA HIS A 138 7.30 6.91 -16.08
C HIS A 138 6.27 6.45 -14.96
C HIS A 138 6.23 6.44 -15.09
N SER A 139 5.35 7.36 -14.65
CA SER A 139 4.26 6.98 -13.75
C SER A 139 3.44 5.82 -14.34
N LEU A 140 3.14 5.90 -15.64
CA LEU A 140 2.38 4.83 -16.28
C LEU A 140 3.14 3.52 -16.26
N ARG A 141 4.45 3.57 -16.48
CA ARG A 141 5.25 2.35 -16.44
C ARG A 141 5.20 1.70 -15.05
N VAL A 142 5.38 2.51 -13.99
CA VAL A 142 5.31 1.98 -12.64
C VAL A 142 3.92 1.41 -12.37
N CYS A 143 2.87 2.10 -12.81
CA CYS A 143 1.51 1.59 -12.65
C CYS A 143 1.37 0.20 -13.24
N VAL A 144 1.75 0.06 -14.51
CA VAL A 144 1.60 -1.22 -15.20
C VAL A 144 2.41 -2.32 -14.52
N ASP A 145 3.58 -1.98 -14.01
CA ASP A 145 4.48 -2.96 -13.41
C ASP A 145 4.19 -3.21 -11.93
N THR A 146 3.23 -2.52 -11.33
CA THR A 146 2.95 -2.64 -9.90
C THR A 146 1.52 -3.06 -9.62
N VAL A 147 0.56 -2.45 -10.30
CA VAL A 147 -0.85 -2.72 -10.04
C VAL A 147 -1.24 -4.00 -10.76
N ARG A 148 -1.86 -4.91 -10.02
CA ARG A 148 -2.36 -6.17 -10.53
C ARG A 148 -3.88 -6.23 -10.60
N THR A 149 -4.55 -5.32 -9.90
CA THR A 149 -6.00 -5.22 -9.96
C THR A 149 -6.37 -4.35 -11.16
N ASN A 150 -7.66 -4.21 -11.40
CA ASN A 150 -8.13 -3.60 -12.64
C ASN A 150 -8.22 -2.09 -12.47
N VAL A 151 -7.39 -1.36 -13.19
CA VAL A 151 -7.28 0.08 -13.04
C VAL A 151 -7.63 0.76 -14.35
N TYR A 152 -8.51 1.76 -14.23
CA TYR A 152 -8.99 2.59 -15.31
C TYR A 152 -8.40 3.98 -15.10
N LEU A 153 -7.45 4.35 -15.92
CA LEU A 153 -6.70 5.60 -15.79
C LEU A 153 -7.35 6.69 -16.62
N ALA A 154 -7.61 7.82 -16.00
CA ALA A 154 -8.15 9.01 -16.66
C ALA A 154 -7.03 10.03 -16.78
N VAL A 155 -6.76 10.45 -18.01
CA VAL A 155 -5.74 11.45 -18.30
C VAL A 155 -6.44 12.68 -18.85
N PHE A 156 -6.37 13.79 -18.10
CA PHE A 156 -7.07 15.02 -18.45
C PHE A 156 -6.59 15.60 -19.77
N ASP A 157 -5.28 15.68 -19.96
CA ASP A 157 -4.70 16.38 -21.09
C ASP A 157 -4.66 15.49 -22.33
N LYS A 158 -5.27 15.95 -23.43
CA LYS A 158 -5.35 15.13 -24.64
C LYS A 158 -3.96 14.94 -25.23
N ASN A 159 -3.18 16.01 -25.26
CA ASN A 159 -1.82 15.90 -25.77
C ASN A 159 -1.01 14.85 -25.00
N LEU A 160 -1.12 14.87 -23.68
CA LEU A 160 -0.37 13.90 -22.87
C LEU A 160 -0.91 12.49 -23.07
N TYR A 161 -2.23 12.35 -23.12
CA TYR A 161 -2.84 11.04 -23.40
C TYR A 161 -2.24 10.43 -24.67
N ASP A 162 -2.20 11.20 -25.75
CA ASP A 162 -1.67 10.67 -27.01
C ASP A 162 -0.20 10.28 -26.88
N LYS A 163 0.58 11.09 -26.15
CA LYS A 163 1.98 10.74 -25.94
C LYS A 163 2.14 9.48 -25.11
N LEU A 164 1.30 9.31 -24.09
CA LEU A 164 1.37 8.10 -23.25
C LEU A 164 1.06 6.85 -24.06
N VAL A 165 0.03 6.91 -24.90
CA VAL A 165 -0.32 5.77 -25.74
C VAL A 165 0.80 5.48 -26.75
N SER A 166 1.25 6.53 -27.45
CA SER A 166 2.17 6.32 -28.55
C SER A 166 3.53 5.81 -28.09
N SER A 167 3.91 6.10 -26.85
CA SER A 167 5.22 5.72 -26.31
C SER A 167 5.13 4.47 -25.45
N PHE A 168 3.96 3.85 -25.33
CA PHE A 168 3.79 2.74 -24.40
C PHE A 168 4.44 1.47 -24.95
N LEU A 169 5.26 0.83 -24.12
CA LEU A 169 5.93 -0.40 -24.54
C LEU A 169 5.14 -1.59 -24.03
N SER B 1 18.72 5.27 24.38
CA SER B 1 17.95 4.01 24.21
C SER B 1 18.20 3.30 22.88
N MET B 2 18.09 1.98 22.98
N MET B 2 18.08 1.99 22.95
CA MET B 2 18.32 1.08 21.86
CA MET B 2 18.38 1.06 21.86
C MET B 2 17.00 0.58 21.33
C MET B 2 17.05 0.52 21.31
N VAL B 3 16.68 0.94 20.09
CA VAL B 3 15.55 0.38 19.35
C VAL B 3 16.09 -0.15 18.03
N ASN B 4 15.40 -1.15 17.48
CA ASN B 4 15.78 -1.75 16.21
C ASN B 4 17.25 -2.23 16.23
N SER B 5 17.64 -2.87 17.33
CA SER B 5 19.01 -3.40 17.49
C SER B 5 19.03 -4.87 17.12
N PHE B 6 18.93 -5.13 15.83
CA PHE B 6 18.94 -6.48 15.29
C PHE B 6 20.37 -7.00 15.25
N SER B 7 20.56 -8.23 15.70
CA SER B 7 21.87 -8.85 15.68
C SER B 7 21.80 -10.33 15.37
N GLY B 8 22.84 -10.77 14.68
N GLY B 8 22.83 -10.85 14.72
CA GLY B 8 22.95 -12.17 14.34
CA GLY B 8 22.89 -12.26 14.38
C GLY B 8 22.16 -12.61 13.14
C GLY B 8 22.12 -12.65 13.15
N TYR B 9 21.69 -11.67 12.33
CA TYR B 9 20.96 -11.98 11.10
C TYR B 9 21.92 -12.23 9.95
N LEU B 10 21.49 -13.12 9.07
CA LEU B 10 22.17 -13.43 7.83
C LEU B 10 21.53 -12.61 6.72
N LYS B 11 22.36 -11.91 5.96
CA LYS B 11 21.87 -11.07 4.87
C LYS B 11 21.57 -11.95 3.66
N LEU B 12 20.33 -11.89 3.15
CA LEU B 12 19.92 -12.58 1.93
C LEU B 12 19.97 -11.66 0.72
N THR B 13 19.46 -10.45 0.87
CA THR B 13 19.51 -9.41 -0.15
C THR B 13 19.86 -8.11 0.56
N ASP B 14 19.94 -7.04 -0.21
CA ASP B 14 20.30 -5.76 0.40
C ASP B 14 19.29 -5.31 1.45
N ASN B 15 18.06 -5.83 1.43
CA ASN B 15 17.05 -5.40 2.40
C ASN B 15 16.37 -6.54 3.17
N VAL B 16 16.73 -7.79 2.95
CA VAL B 16 16.08 -8.92 3.60
C VAL B 16 17.13 -9.70 4.37
N TYR B 17 16.86 -9.90 5.66
CA TYR B 17 17.76 -10.56 6.60
C TYR B 17 16.99 -11.68 7.30
N ILE B 18 17.70 -12.70 7.77
CA ILE B 18 17.03 -13.86 8.36
C ILE B 18 17.82 -14.40 9.53
N LYS B 19 17.10 -14.92 10.53
CA LYS B 19 17.71 -15.45 11.74
C LYS B 19 16.88 -16.61 12.26
N ASN B 20 17.57 -17.61 12.82
CA ASN B 20 16.89 -18.69 13.54
C ASN B 20 16.62 -18.17 14.94
N ALA B 21 15.36 -17.83 15.22
CA ALA B 21 15.01 -17.17 16.47
C ALA B 21 13.52 -17.28 16.71
N ASP B 22 13.16 -17.20 17.99
CA ASP B 22 11.78 -17.06 18.46
C ASP B 22 11.41 -15.58 18.38
N ILE B 23 10.40 -15.27 17.57
CA ILE B 23 10.07 -13.88 17.27
C ILE B 23 9.68 -13.09 18.52
N VAL B 24 9.07 -13.75 19.53
CA VAL B 24 8.74 -13.05 20.77
C VAL B 24 10.02 -12.67 21.51
N GLU B 25 10.94 -13.62 21.65
CA GLU B 25 12.21 -13.33 22.31
C GLU B 25 12.98 -12.28 21.54
N GLU B 26 12.95 -12.35 20.22
CA GLU B 26 13.62 -11.35 19.40
C GLU B 26 13.02 -9.97 19.63
N ALA B 27 11.68 -9.88 19.62
CA ALA B 27 11.03 -8.59 19.82
C ALA B 27 11.45 -7.97 21.14
N LYS B 28 11.49 -8.78 22.20
CA LYS B 28 11.82 -8.23 23.51
C LYS B 28 13.27 -7.75 23.57
N LYS B 29 14.17 -8.38 22.82
CA LYS B 29 15.58 -8.00 22.77
C LYS B 29 15.83 -6.80 21.85
N VAL B 30 15.31 -6.87 20.62
CA VAL B 30 15.60 -5.92 19.55
C VAL B 30 14.93 -4.59 19.80
N LYS B 31 13.79 -4.61 20.45
CA LYS B 31 12.98 -3.43 20.67
C LYS B 31 12.59 -2.79 19.32
N PRO B 32 11.91 -3.52 18.42
CA PRO B 32 11.64 -2.98 17.08
C PRO B 32 10.53 -1.94 17.11
N THR B 33 10.61 -1.00 16.15
CA THR B 33 9.48 -0.11 15.91
C THR B 33 8.24 -0.88 15.49
N VAL B 34 8.42 -1.92 14.68
CA VAL B 34 7.29 -2.68 14.14
C VAL B 34 7.59 -4.17 14.26
N VAL B 35 6.68 -4.91 14.89
CA VAL B 35 6.65 -6.36 14.76
C VAL B 35 5.43 -6.73 13.94
N VAL B 36 5.59 -7.65 13.00
CA VAL B 36 4.50 -8.13 12.17
C VAL B 36 3.86 -9.33 12.81
N ASN B 37 2.52 -9.32 12.87
CA ASN B 37 1.75 -10.49 13.26
C ASN B 37 1.19 -11.18 12.01
N ALA B 38 1.23 -12.50 12.05
CA ALA B 38 0.59 -13.37 11.05
C ALA B 38 -0.88 -13.50 11.42
N ALA B 39 -1.65 -12.48 11.06
CA ALA B 39 -3.03 -12.30 11.48
C ALA B 39 -4.02 -12.98 10.53
N ASN B 40 -5.25 -13.08 11.00
CA ASN B 40 -6.41 -13.43 10.18
C ASN B 40 -7.38 -12.24 10.17
N VAL B 41 -8.40 -12.33 9.32
CA VAL B 41 -9.22 -11.14 9.03
C VAL B 41 -9.99 -10.65 10.25
N TYR B 42 -10.31 -11.53 11.20
CA TYR B 42 -11.02 -11.13 12.42
C TYR B 42 -10.08 -10.92 13.60
N LEU B 43 -8.77 -10.94 13.35
CA LEU B 43 -7.78 -10.68 14.40
C LEU B 43 -8.01 -11.58 15.61
N LYS B 44 -8.28 -12.86 15.36
CA LYS B 44 -8.44 -13.85 16.41
C LYS B 44 -7.10 -14.59 16.52
N HIS B 45 -6.37 -14.27 17.59
CA HIS B 45 -4.96 -14.66 17.70
C HIS B 45 -4.84 -16.00 18.44
N GLY B 46 -5.22 -17.06 17.74
CA GLY B 46 -5.28 -18.37 18.38
C GLY B 46 -3.99 -19.17 18.41
N GLY B 47 -3.35 -19.28 17.26
CA GLY B 47 -2.32 -20.28 17.05
C GLY B 47 -1.09 -19.67 16.42
N GLY B 48 -0.04 -20.48 16.32
CA GLY B 48 1.16 -20.04 15.63
C GLY B 48 1.68 -18.74 16.18
N VAL B 49 2.16 -17.89 15.26
CA VAL B 49 2.77 -16.63 15.64
C VAL B 49 1.78 -15.76 16.41
N ALA B 50 0.54 -15.65 15.92
CA ALA B 50 -0.40 -14.75 16.55
C ALA B 50 -0.70 -15.18 17.98
N GLY B 51 -0.86 -16.49 18.20
CA GLY B 51 -1.09 -16.96 19.56
C GLY B 51 0.08 -16.64 20.47
N ALA B 52 1.30 -16.79 19.97
CA ALA B 52 2.48 -16.51 20.78
C ALA B 52 2.62 -15.03 21.09
N LEU B 53 2.41 -14.16 20.09
CA LEU B 53 2.50 -12.72 20.35
C LEU B 53 1.42 -12.32 21.35
N ASN B 54 0.18 -12.79 21.16
CA ASN B 54 -0.88 -12.39 22.06
C ASN B 54 -0.61 -12.86 23.49
N LYS B 55 -0.14 -14.11 23.64
CA LYS B 55 0.21 -14.61 24.96
C LYS B 55 1.27 -13.75 25.64
N ALA B 56 2.26 -13.29 24.88
CA ALA B 56 3.31 -12.48 25.47
C ALA B 56 2.75 -11.15 26.00
N THR B 57 1.67 -10.66 25.40
CA THR B 57 1.00 -9.44 25.85
C THR B 57 -0.02 -9.70 26.95
N ASN B 58 -0.10 -10.94 27.45
CA ASN B 58 -1.07 -11.27 28.49
C ASN B 58 -2.49 -10.95 28.02
N ASN B 59 -2.76 -11.22 26.74
CA ASN B 59 -4.08 -11.09 26.10
C ASN B 59 -4.46 -9.64 25.79
N ALA B 60 -3.59 -8.66 26.10
CA ALA B 60 -3.93 -7.28 25.78
C ALA B 60 -4.10 -7.07 24.28
N MET B 61 -3.30 -7.78 23.48
CA MET B 61 -3.44 -7.67 22.03
C MET B 61 -4.83 -8.14 21.59
N GLN B 62 -5.33 -9.23 22.16
CA GLN B 62 -6.65 -9.73 21.75
C GLN B 62 -7.75 -8.76 22.14
N VAL B 63 -7.68 -8.18 23.34
CA VAL B 63 -8.70 -7.23 23.78
C VAL B 63 -8.72 -6.02 22.85
N GLU B 64 -7.53 -5.50 22.55
CA GLU B 64 -7.43 -4.36 21.63
C GLU B 64 -7.95 -4.72 20.23
N SER B 65 -7.63 -5.93 19.78
CA SER B 65 -8.05 -6.39 18.46
C SER B 65 -9.57 -6.51 18.37
N ASP B 66 -10.20 -7.06 19.40
CA ASP B 66 -11.66 -7.20 19.38
C ASP B 66 -12.33 -5.83 19.32
N ASP B 67 -11.79 -4.84 20.03
CA ASP B 67 -12.33 -3.50 19.94
C ASP B 67 -12.13 -2.91 18.53
N TYR B 68 -10.96 -3.14 17.92
CA TYR B 68 -10.73 -2.69 16.55
C TYR B 68 -11.77 -3.28 15.60
N ILE B 69 -12.06 -4.57 15.73
CA ILE B 69 -13.03 -5.23 14.85
C ILE B 69 -14.43 -4.68 15.07
N ALA B 70 -14.80 -4.43 16.33
CA ALA B 70 -16.12 -3.87 16.60
C ALA B 70 -16.29 -2.53 15.88
N THR B 71 -15.24 -1.71 15.84
CA THR B 71 -15.33 -0.39 15.23
C THR B 71 -15.21 -0.45 13.71
N ASN B 72 -14.36 -1.33 13.18
CA ASN B 72 -13.94 -1.28 11.78
C ASN B 72 -14.36 -2.48 10.93
N GLY B 73 -14.78 -3.58 11.54
CA GLY B 73 -15.05 -4.78 10.79
C GLY B 73 -13.77 -5.49 10.41
N PRO B 74 -13.92 -6.65 9.77
CA PRO B 74 -12.76 -7.48 9.45
C PRO B 74 -11.89 -6.87 8.37
N LEU B 75 -10.61 -7.26 8.41
CA LEU B 75 -9.66 -6.93 7.37
C LEU B 75 -9.98 -7.74 6.10
N LYS B 76 -9.32 -7.38 5.00
CA LYS B 76 -9.27 -8.17 3.77
C LYS B 76 -8.07 -9.10 3.80
N VAL B 77 -8.19 -10.30 3.21
CA VAL B 77 -7.00 -11.10 2.94
C VAL B 77 -6.08 -10.29 2.03
N GLY B 78 -4.82 -10.17 2.43
CA GLY B 78 -3.86 -9.32 1.76
C GLY B 78 -3.71 -7.96 2.40
N GLY B 79 -4.59 -7.61 3.34
CA GLY B 79 -4.57 -6.32 4.00
C GLY B 79 -3.89 -6.35 5.36
N SER B 80 -3.94 -5.20 6.03
CA SER B 80 -3.26 -5.03 7.30
C SER B 80 -3.89 -3.91 8.11
N CYS B 81 -3.55 -3.88 9.40
CA CYS B 81 -3.80 -2.71 10.22
C CYS B 81 -2.67 -2.57 11.22
N VAL B 82 -2.45 -1.33 11.67
CA VAL B 82 -1.45 -1.03 12.68
C VAL B 82 -2.15 -0.86 14.02
N LEU B 83 -1.70 -1.62 15.02
CA LEU B 83 -2.18 -1.51 16.39
C LEU B 83 -0.97 -1.39 17.32
N SER B 84 -1.23 -1.33 18.61
CA SER B 84 -0.14 -1.21 19.57
C SER B 84 0.76 -2.44 19.52
N GLY B 85 2.04 -2.23 19.81
CA GLY B 85 2.97 -3.33 20.01
C GLY B 85 3.12 -3.78 21.45
N HIS B 86 2.43 -3.15 22.41
CA HIS B 86 2.38 -3.65 23.80
C HIS B 86 3.81 -3.77 24.33
N ASN B 87 4.19 -4.91 24.88
CA ASN B 87 5.52 -5.13 25.42
C ASN B 87 6.49 -5.69 24.40
N LEU B 88 6.11 -5.68 23.11
CA LEU B 88 6.90 -6.29 22.06
C LEU B 88 7.54 -5.28 21.11
N ALA B 89 6.91 -4.14 20.90
CA ALA B 89 7.32 -3.23 19.83
C ALA B 89 6.55 -1.94 20.03
N LYS B 90 6.96 -0.89 19.30
CA LYS B 90 6.13 0.30 19.31
C LYS B 90 4.76 -0.01 18.70
N HIS B 91 4.76 -0.68 17.55
CA HIS B 91 3.56 -1.02 16.81
C HIS B 91 3.57 -2.49 16.45
N CYS B 92 2.39 -3.07 16.35
CA CYS B 92 2.21 -4.36 15.69
C CYS B 92 1.47 -4.14 14.38
N LEU B 93 2.07 -4.55 13.28
CA LEU B 93 1.44 -4.56 11.98
C LEU B 93 0.80 -5.93 11.78
N HIS B 94 -0.52 -5.98 11.88
CA HIS B 94 -1.28 -7.22 11.68
C HIS B 94 -1.49 -7.39 10.19
N VAL B 95 -0.86 -8.39 9.58
CA VAL B 95 -0.93 -8.61 8.14
C VAL B 95 -1.60 -9.94 7.88
N VAL B 96 -2.58 -9.96 6.98
CA VAL B 96 -3.32 -11.18 6.66
C VAL B 96 -2.77 -11.75 5.35
N GLY B 97 -1.98 -12.82 5.45
CA GLY B 97 -1.62 -13.60 4.28
C GLY B 97 -2.71 -14.61 3.99
N PRO B 98 -2.77 -15.12 2.76
CA PRO B 98 -3.72 -16.19 2.46
C PRO B 98 -3.40 -17.46 3.24
N ASN B 99 -4.46 -18.09 3.71
CA ASN B 99 -4.36 -19.36 4.42
C ASN B 99 -4.70 -20.47 3.43
N VAL B 100 -3.67 -21.13 2.91
CA VAL B 100 -3.86 -22.23 1.94
C VAL B 100 -4.59 -23.40 2.58
N ASN B 101 -4.43 -23.61 3.89
CA ASN B 101 -5.19 -24.66 4.59
C ASN B 101 -6.68 -24.38 4.61
N LYS B 102 -7.08 -23.14 4.31
CA LYS B 102 -8.48 -22.75 4.18
C LYS B 102 -8.89 -22.49 2.73
N GLY B 103 -8.04 -22.86 1.77
CA GLY B 103 -8.32 -22.74 0.35
C GLY B 103 -8.19 -21.33 -0.20
N GLU B 104 -7.50 -20.42 0.49
CA GLU B 104 -7.38 -19.05 0.03
C GLU B 104 -6.29 -18.98 -1.04
N ASP B 105 -6.44 -18.01 -1.94
CA ASP B 105 -5.59 -17.95 -3.13
C ASP B 105 -4.18 -17.49 -2.75
N ILE B 106 -3.20 -18.38 -2.95
CA ILE B 106 -1.80 -18.07 -2.67
C ILE B 106 -1.34 -16.84 -3.44
N GLN B 107 -2.01 -16.50 -4.54
CA GLN B 107 -1.66 -15.31 -5.30
C GLN B 107 -1.76 -14.04 -4.46
N LEU B 108 -2.55 -14.02 -3.39
CA LEU B 108 -2.70 -12.84 -2.53
C LEU B 108 -1.51 -12.60 -1.62
N LEU B 109 -0.52 -13.50 -1.63
CA LEU B 109 0.64 -13.35 -0.78
C LEU B 109 1.45 -12.11 -1.17
N LYS B 110 1.54 -11.78 -2.46
CA LYS B 110 2.28 -10.58 -2.84
C LYS B 110 1.62 -9.32 -2.26
N SER B 111 0.30 -9.22 -2.38
CA SER B 111 -0.41 -8.08 -1.79
C SER B 111 -0.14 -7.99 -0.29
N ALA B 112 -0.15 -9.14 0.40
CA ALA B 112 0.13 -9.14 1.83
C ALA B 112 1.51 -8.55 2.13
N TYR B 113 2.54 -9.00 1.40
CA TYR B 113 3.88 -8.48 1.63
C TYR B 113 4.00 -6.99 1.29
N GLU B 114 3.21 -6.48 0.35
CA GLU B 114 3.30 -5.07 0.01
C GLU B 114 3.04 -4.19 1.22
N ASN B 115 2.27 -4.67 2.20
CA ASN B 115 2.05 -3.87 3.40
C ASN B 115 3.36 -3.53 4.10
N PHE B 116 4.37 -4.39 3.99
CA PHE B 116 5.64 -4.15 4.68
C PHE B 116 6.31 -2.89 4.15
N ASN B 117 6.04 -2.52 2.89
CA ASN B 117 6.73 -1.37 2.28
C ASN B 117 6.31 -0.04 2.89
N GLN B 118 5.26 -0.02 3.72
CA GLN B 118 4.86 1.19 4.43
C GLN B 118 5.64 1.42 5.70
N HIS B 119 6.66 0.59 6.00
CA HIS B 119 7.44 0.70 7.22
C HIS B 119 8.91 0.53 6.87
N GLU B 120 9.75 1.43 7.37
CA GLU B 120 11.15 1.42 6.94
C GLU B 120 11.90 0.18 7.44
N VAL B 121 11.55 -0.32 8.61
CA VAL B 121 12.20 -1.51 9.18
C VAL B 121 11.18 -2.30 9.99
N LEU B 122 11.20 -3.63 9.86
CA LEU B 122 10.23 -4.51 10.52
C LEU B 122 10.91 -5.78 10.96
N LEU B 123 10.45 -6.31 12.11
CA LEU B 123 10.69 -7.69 12.54
C LEU B 123 9.47 -8.50 12.13
N ALA B 124 9.67 -9.62 11.42
CA ALA B 124 8.52 -10.29 10.83
C ALA B 124 8.71 -11.79 10.76
N PRO B 125 7.60 -12.54 10.73
CA PRO B 125 7.61 -13.94 10.32
C PRO B 125 7.39 -14.02 8.80
N LEU B 126 7.63 -15.21 8.25
CA LEU B 126 7.26 -15.47 6.86
C LEU B 126 5.75 -15.59 6.74
N LEU B 127 5.16 -14.76 5.91
CA LEU B 127 3.72 -14.74 5.78
C LEU B 127 3.22 -16.01 5.10
N SER B 128 2.05 -16.46 5.54
CA SER B 128 1.35 -17.63 5.05
C SER B 128 2.08 -18.94 5.32
N ALA B 129 3.19 -18.91 6.09
CA ALA B 129 3.89 -20.12 6.46
C ALA B 129 3.21 -20.81 7.62
N GLY B 130 3.73 -21.99 7.95
CA GLY B 130 3.34 -22.66 9.17
C GLY B 130 1.89 -23.08 9.10
N ILE B 131 1.12 -22.66 10.11
CA ILE B 131 -0.28 -23.08 10.18
C ILE B 131 -1.11 -22.51 9.05
N PHE B 132 -0.59 -21.53 8.29
CA PHE B 132 -1.30 -21.02 7.10
C PHE B 132 -1.06 -21.87 5.86
N GLY B 133 -0.11 -22.82 5.88
CA GLY B 133 -0.05 -23.86 4.86
C GLY B 133 0.72 -23.58 3.59
N ALA B 134 1.25 -22.39 3.37
CA ALA B 134 2.02 -22.14 2.15
C ALA B 134 3.42 -22.72 2.29
N ASP B 135 4.06 -22.92 1.14
CA ASP B 135 5.44 -23.36 1.11
C ASP B 135 6.32 -22.23 1.62
N PRO B 136 7.05 -22.40 2.73
CA PRO B 136 7.87 -21.29 3.23
C PRO B 136 8.94 -20.84 2.25
N ILE B 137 9.43 -21.74 1.39
CA ILE B 137 10.39 -21.35 0.36
C ILE B 137 9.76 -20.34 -0.58
N HIS B 138 8.51 -20.58 -0.95
CA HIS B 138 7.79 -19.63 -1.79
C HIS B 138 7.52 -18.32 -1.05
N SER B 139 7.19 -18.40 0.23
CA SER B 139 6.94 -17.17 0.97
C SER B 139 8.19 -16.30 1.01
N LEU B 140 9.36 -16.92 1.21
CA LEU B 140 10.60 -16.16 1.20
C LEU B 140 10.85 -15.54 -0.17
N ARG B 141 10.57 -16.30 -1.24
CA ARG B 141 10.68 -15.79 -2.60
C ARG B 141 9.84 -14.53 -2.80
N VAL B 142 8.57 -14.61 -2.42
CA VAL B 142 7.69 -13.47 -2.59
C VAL B 142 8.16 -12.31 -1.73
N CYS B 143 8.61 -12.59 -0.51
CA CYS B 143 9.15 -11.53 0.34
C CYS B 143 10.28 -10.79 -0.36
N VAL B 144 11.28 -11.53 -0.83
CA VAL B 144 12.43 -10.88 -1.45
C VAL B 144 12.04 -10.11 -2.70
N ASP B 145 11.06 -10.61 -3.44
CA ASP B 145 10.67 -10.00 -4.70
C ASP B 145 9.65 -8.89 -4.53
N THR B 146 9.17 -8.64 -3.30
CA THR B 146 8.13 -7.66 -3.06
C THR B 146 8.54 -6.58 -2.07
N VAL B 147 9.19 -6.95 -0.99
CA VAL B 147 9.52 -6.02 0.07
C VAL B 147 10.80 -5.29 -0.33
N ARG B 148 10.77 -3.97 -0.22
CA ARG B 148 11.92 -3.13 -0.51
C ARG B 148 12.46 -2.44 0.74
N THR B 149 11.66 -2.36 1.81
CA THR B 149 12.13 -1.83 3.09
C THR B 149 12.87 -2.93 3.84
N ASN B 150 13.43 -2.61 4.99
CA ASN B 150 14.34 -3.53 5.67
C ASN B 150 13.54 -4.49 6.52
N VAL B 151 13.58 -5.77 6.18
CA VAL B 151 12.80 -6.78 6.89
C VAL B 151 13.74 -7.81 7.48
N TYR B 152 13.55 -8.05 8.78
CA TYR B 152 14.32 -8.99 9.59
C TYR B 152 13.38 -10.15 9.91
N LEU B 153 13.61 -11.29 9.26
CA LEU B 153 12.76 -12.46 9.37
C LEU B 153 13.26 -13.38 10.48
N ALA B 154 12.34 -13.78 11.36
CA ALA B 154 12.61 -14.74 12.42
C ALA B 154 11.98 -16.07 12.07
N VAL B 155 12.79 -17.12 12.06
CA VAL B 155 12.37 -18.47 11.76
C VAL B 155 12.68 -19.33 12.98
N PHE B 156 11.64 -19.88 13.60
CA PHE B 156 11.79 -20.59 14.88
C PHE B 156 12.57 -21.89 14.75
N ASP B 157 12.22 -22.73 13.78
CA ASP B 157 12.81 -24.05 13.69
C ASP B 157 14.14 -23.98 12.94
N LYS B 158 15.24 -24.37 13.60
CA LYS B 158 16.56 -24.42 12.95
C LYS B 158 16.53 -25.21 11.65
N ASN B 159 15.79 -26.32 11.61
CA ASN B 159 15.80 -27.14 10.40
C ASN B 159 15.08 -26.45 9.24
N LEU B 160 14.04 -25.66 9.52
CA LEU B 160 13.41 -24.89 8.45
C LEU B 160 14.30 -23.73 8.04
N TYR B 161 14.92 -23.08 9.02
CA TYR B 161 15.89 -22.02 8.72
C TYR B 161 16.95 -22.53 7.75
N ASP B 162 17.53 -23.70 8.05
CA ASP B 162 18.57 -24.25 7.19
C ASP B 162 18.03 -24.54 5.78
N LYS B 163 16.82 -25.07 5.68
CA LYS B 163 16.21 -25.34 4.38
C LYS B 163 16.02 -24.04 3.59
N LEU B 164 15.59 -22.98 4.26
CA LEU B 164 15.36 -21.70 3.61
C LEU B 164 16.67 -21.08 3.13
N VAL B 165 17.68 -21.05 3.99
CA VAL B 165 18.96 -20.42 3.64
C VAL B 165 19.67 -21.24 2.58
N SER B 166 19.70 -22.57 2.77
CA SER B 166 20.48 -23.43 1.88
C SER B 166 19.90 -23.45 0.47
N SER B 167 18.59 -23.25 0.32
CA SER B 167 17.93 -23.29 -0.98
C SER B 167 17.74 -21.91 -1.60
N PHE B 168 18.05 -20.84 -0.88
CA PHE B 168 17.79 -19.50 -1.41
C PHE B 168 18.69 -19.19 -2.60
N LEU B 169 19.91 -19.71 -2.57
CA LEU B 169 20.90 -19.44 -3.61
C LEU B 169 21.88 -20.60 -3.75
C10 WYG C . -8.67 16.31 -13.86
C17 WYG C . -2.23 17.80 -14.33
C02 WYG C . -3.86 14.77 -16.55
C03 WYG C . -2.68 15.24 -15.71
C04 WYG C . -2.96 15.60 -14.25
C05 WYG C . -4.33 16.24 -13.99
C07 WYG C . -5.57 18.00 -12.86
C08 WYG C . -6.82 17.43 -13.22
C09 WYG C . -7.29 16.24 -13.80
C12 WYG C . -7.96 18.16 -12.93
C14 WYG C . -6.67 19.88 -12.04
C16 WYG C . -3.38 18.37 -13.52
N06 WYG C . -4.28 17.36 -13.09
N11 WYG C . -9.03 17.46 -13.33
N13 WYG C . -7.84 19.36 -12.36
N15 WYG C . -5.55 19.21 -12.29
O01 WYG C . -4.68 13.92 -16.08
O18 WYG C . -1.91 16.48 -13.92
O19 WYG C . -4.00 15.19 -17.73
H101 WYG C . -9.32 15.56 -14.26
H171 WYG C . -1.37 18.42 -14.18
H172 WYG C . -2.48 17.82 -15.39
H031 WYG C . -1.98 14.44 -15.68
H032 WYG C . -2.20 16.08 -16.21
H041 WYG C . -2.90 14.70 -13.63
H051 WYG C . -4.93 15.47 -13.52
H052 WYG C . -4.81 16.54 -14.92
H091 WYG C . -6.68 15.41 -14.16
H141 WYG C . -6.63 20.85 -11.58
H161 WYG C . -3.92 19.06 -14.16
H162 WYG C . -2.99 18.92 -12.67
H111 WYG C . -9.98 17.77 -13.25
C02 S3E D . -3.77 14.83 -16.42
C03 S3E D . -2.55 15.12 -15.54
C04 S3E D . -2.72 16.23 -14.50
C05 S3E D . -4.18 16.57 -14.22
C07 S3E D . -5.57 18.00 -12.79
C08 S3E D . -6.81 17.43 -13.15
C09 S3E D . -7.26 16.22 -13.73
C10 S3E D . -8.64 16.32 -13.84
C12 S3E D . -7.94 18.19 -12.95
C14 S3E D . -6.65 19.90 -12.06
C16 S3E D . -3.16 17.92 -12.53
C17 S3E D . -2.04 16.90 -12.32
N06 S3E D . -4.34 17.24 -12.96
N11 S3E D . -9.00 17.49 -13.37
N13 S3E D . -7.83 19.41 -12.41
N15 S3E D . -5.54 19.21 -12.25
O01 S3E D . -4.65 14.03 -16.03
O18 S3E D . -2.09 15.85 -13.29
O19 S3E D . -3.85 15.37 -17.55
H031 S3E D . -2.26 14.21 -15.03
H032 S3E D . -1.75 15.41 -16.20
H041 S3E D . -2.24 17.13 -14.89
H051 S3E D . -4.75 15.65 -14.16
H052 S3E D . -4.59 17.19 -15.01
H091 S3E D . -6.65 15.38 -14.03
H101 S3E D . -9.29 15.55 -14.24
H141 S3E D . -6.60 20.89 -11.64
H161 S3E D . -2.85 18.64 -13.29
H162 S3E D . -3.34 18.45 -11.59
H172 S3E D . -1.10 17.41 -12.42
H171 S3E D . -2.12 16.48 -11.32
H111 S3E D . -9.95 17.82 -13.33
#